data_7Y14
#
_entry.id   7Y14
#
_cell.length_a   1.00
_cell.length_b   1.00
_cell.length_c   1.00
_cell.angle_alpha   90.00
_cell.angle_beta   90.00
_cell.angle_gamma   90.00
#
_symmetry.space_group_name_H-M   'P 1'
#
loop_
_entity.id
_entity.type
_entity.pdbx_description
1 polymer 'Soluble cytochrome b562,Mas-related G-protein coupled receptor member D'
2 non-polymer BETA-ALANINE
3 non-polymer 'PALMITIC ACID'
#
_entity_poly.entity_id   1
_entity_poly.type   'polypeptide(L)'
_entity_poly.pdbx_seq_one_letter_code
;MKTIIALSYIFCLVFADYKDDDDKADLEDNWETLNDNLKVIEKADNAAQVKDALTKMRAAALDAQKATPPKLEDKSPDSP
EMKDFRHGFDILVGQIDDALKLANEGKVKEAQAAAEQLKTTRNAYIQKYLNSSGTVESALNYSRGSTVHTAYLVLSSLAM
FTCLCGMAGNSMVIWLLGFRMHRNPFCIYILNLAAADLLFLFSMASTLSLETQPLVNTTDKVHELMKRLMYFAYTVGLSL
LTAISTQRCLSVLFPIWFKCHRPRHLSAWVCGLLWTLCLLMNGLTSSFCSKFLKFNEDRCFRVDMVQAALIMGVLTPVMT
LSSLTLFVWVRRSSQQWRRQPTRLFVVVLASVLVFLICSLPLSIYWFVLYWLSLPPEMQVLCFSLSRLSSSVSSSANPVI
YFLVGSRRSHRLPTRSLGTVLQQALREEPELEGGETPTVGTNEMGA
;
_entity_poly.pdbx_strand_id   R
#
loop_
_chem_comp.id
_chem_comp.type
_chem_comp.name
_chem_comp.formula
BAL peptide-like BETA-ALANINE 'C3 H7 N O2'
PLM non-polymer 'PALMITIC ACID' 'C16 H32 O2'
#
# COMPACT_ATOMS: atom_id res chain seq x y z
N THR A 147 -14.71 -24.92 11.78
CA THR A 147 -15.52 -24.02 10.97
C THR A 147 -14.77 -22.72 10.69
N VAL A 148 -15.34 -21.60 11.14
CA VAL A 148 -14.72 -20.30 10.92
C VAL A 148 -13.42 -20.17 11.70
N HIS A 149 -13.33 -20.83 12.86
CA HIS A 149 -12.12 -20.75 13.67
C HIS A 149 -10.95 -21.51 13.06
N THR A 150 -11.18 -22.34 12.06
CA THR A 150 -10.08 -22.95 11.31
C THR A 150 -9.63 -22.06 10.17
N ALA A 151 -10.58 -21.46 9.44
CA ALA A 151 -10.23 -20.52 8.39
C ALA A 151 -9.47 -19.33 8.95
N TYR A 152 -9.91 -18.82 10.10
CA TYR A 152 -9.23 -17.68 10.70
C TYR A 152 -7.76 -18.00 11.00
N LEU A 153 -7.51 -19.14 11.64
CA LEU A 153 -6.14 -19.45 12.04
C LEU A 153 -5.28 -19.78 10.82
N VAL A 154 -5.83 -20.49 9.82
CA VAL A 154 -5.01 -20.81 8.66
C VAL A 154 -4.68 -19.56 7.86
N LEU A 155 -5.64 -18.64 7.72
CA LEU A 155 -5.36 -17.41 7.01
C LEU A 155 -4.42 -16.51 7.79
N SER A 156 -4.49 -16.55 9.13
CA SER A 156 -3.52 -15.80 9.93
C SER A 156 -2.11 -16.36 9.77
N SER A 157 -1.98 -17.68 9.71
CA SER A 157 -0.67 -18.28 9.45
C SER A 157 -0.15 -17.87 8.08
N LEU A 158 -1.01 -17.89 7.07
CA LEU A 158 -0.60 -17.43 5.74
C LEU A 158 -0.18 -15.96 5.77
N ALA A 159 -0.92 -15.13 6.50
CA ALA A 159 -0.58 -13.72 6.60
C ALA A 159 0.78 -13.52 7.26
N MET A 160 1.05 -14.28 8.32
CA MET A 160 2.37 -14.22 8.95
C MET A 160 3.47 -14.64 7.98
N PHE A 161 3.25 -15.71 7.22
CA PHE A 161 4.26 -16.17 6.29
C PHE A 161 4.56 -15.13 5.22
N THR A 162 3.51 -14.59 4.59
CA THR A 162 3.74 -13.58 3.57
C THR A 162 4.29 -12.29 4.15
N CYS A 163 3.96 -11.98 5.42
CA CYS A 163 4.55 -10.82 6.06
C CYS A 163 6.05 -11.00 6.26
N LEU A 164 6.48 -12.19 6.70
CA LEU A 164 7.91 -12.43 6.86
C LEU A 164 8.64 -12.39 5.52
N CYS A 165 8.04 -12.98 4.49
CA CYS A 165 8.63 -12.89 3.16
C CYS A 165 8.73 -11.44 2.70
N GLY A 166 7.72 -10.63 3.03
CA GLY A 166 7.78 -9.22 2.72
C GLY A 166 8.88 -8.50 3.47
N MET A 167 9.10 -8.86 4.74
CA MET A 167 10.23 -8.30 5.48
C MET A 167 11.53 -8.59 4.75
N ALA A 168 11.74 -9.84 4.36
CA ALA A 168 12.97 -10.21 3.67
C ALA A 168 13.12 -9.41 2.37
N GLY A 169 12.07 -9.38 1.55
CA GLY A 169 12.17 -8.72 0.26
C GLY A 169 12.38 -7.22 0.38
N ASN A 170 11.63 -6.57 1.28
CA ASN A 170 11.78 -5.13 1.44
C ASN A 170 13.12 -4.77 2.07
N SER A 171 13.64 -5.61 2.96
CA SER A 171 14.99 -5.37 3.48
C SER A 171 16.02 -5.47 2.38
N MET A 172 15.90 -6.47 1.49
CA MET A 172 16.85 -6.56 0.38
C MET A 172 16.74 -5.35 -0.55
N VAL A 173 15.52 -4.91 -0.84
CA VAL A 173 15.34 -3.75 -1.71
C VAL A 173 15.94 -2.50 -1.07
N ILE A 174 15.75 -2.33 0.24
CA ILE A 174 16.32 -1.19 0.94
C ILE A 174 17.84 -1.24 0.89
N TRP A 175 18.41 -2.44 1.12
CA TRP A 175 19.86 -2.59 1.08
C TRP A 175 20.41 -2.24 -0.30
N LEU A 176 19.70 -2.63 -1.35
CA LEU A 176 20.16 -2.39 -2.71
C LEU A 176 19.96 -0.95 -3.17
N LEU A 177 19.27 -0.12 -2.39
CA LEU A 177 19.09 1.30 -2.71
C LEU A 177 19.46 2.10 -1.46
N GLY A 178 20.72 2.49 -1.36
CA GLY A 178 21.19 3.30 -0.27
C GLY A 178 21.44 4.73 -0.69
N PHE A 179 22.69 5.07 -0.95
CA PHE A 179 23.04 6.37 -1.52
C PHE A 179 23.19 6.32 -3.04
N ARG A 180 23.22 5.14 -3.63
CA ARG A 180 23.41 4.96 -5.07
C ARG A 180 22.17 4.34 -5.69
N MET A 181 22.20 4.22 -7.03
CA MET A 181 21.04 3.77 -7.81
C MET A 181 19.84 4.66 -7.54
N HIS A 182 20.08 5.97 -7.54
CA HIS A 182 19.03 6.97 -7.36
C HIS A 182 19.11 8.13 -8.33
N ARG A 183 20.03 8.09 -9.31
CA ARG A 183 20.00 9.06 -10.39
C ARG A 183 18.77 8.90 -11.26
N ASN A 184 18.18 7.71 -11.28
CA ASN A 184 16.92 7.47 -11.97
C ASN A 184 15.77 8.08 -11.17
N PRO A 185 14.88 8.84 -11.80
CA PRO A 185 13.72 9.39 -11.07
C PRO A 185 12.77 8.34 -10.54
N PHE A 186 12.92 7.08 -10.93
CA PHE A 186 12.04 5.99 -10.49
C PHE A 186 12.65 5.17 -9.37
N CYS A 187 13.41 5.78 -8.47
CA CYS A 187 14.08 5.01 -7.43
C CYS A 187 13.77 5.52 -6.03
N ILE A 188 13.46 6.81 -5.91
CA ILE A 188 13.05 7.35 -4.61
C ILE A 188 11.72 6.76 -4.19
N TYR A 189 10.76 6.73 -5.11
CA TYR A 189 9.45 6.17 -4.80
C TYR A 189 9.56 4.71 -4.42
N ILE A 190 10.38 3.94 -5.12
CA ILE A 190 10.50 2.52 -4.83
C ILE A 190 11.10 2.30 -3.45
N LEU A 191 12.13 3.07 -3.09
CA LEU A 191 12.74 2.94 -1.77
C LEU A 191 11.76 3.33 -0.66
N ASN A 192 11.03 4.44 -0.86
CA ASN A 192 10.06 4.86 0.13
C ASN A 192 8.93 3.85 0.27
N LEU A 193 8.49 3.27 -0.84
CA LEU A 193 7.47 2.23 -0.81
C LEU A 193 7.98 0.99 -0.11
N ALA A 194 9.24 0.63 -0.33
CA ALA A 194 9.81 -0.51 0.36
C ALA A 194 9.88 -0.27 1.87
N ALA A 195 10.27 0.94 2.27
CA ALA A 195 10.31 1.25 3.70
C ALA A 195 8.92 1.20 4.32
N ALA A 196 7.94 1.81 3.65
CA ALA A 196 6.56 1.81 4.15
C ALA A 196 6.01 0.40 4.22
N ASP A 197 6.25 -0.42 3.20
CA ASP A 197 5.78 -1.79 3.21
C ASP A 197 6.48 -2.61 4.28
N LEU A 198 7.76 -2.35 4.54
CA LEU A 198 8.45 -3.04 5.62
C LEU A 198 7.83 -2.69 6.97
N LEU A 199 7.56 -1.41 7.20
CA LEU A 199 6.90 -1.01 8.44
C LEU A 199 5.53 -1.66 8.58
N PHE A 200 4.77 -1.68 7.49
CA PHE A 200 3.42 -2.23 7.48
C PHE A 200 3.43 -3.74 7.75
N LEU A 201 4.35 -4.47 7.11
CA LEU A 201 4.42 -5.91 7.31
C LEU A 201 4.94 -6.24 8.70
N PHE A 202 5.90 -5.46 9.21
CA PHE A 202 6.35 -5.67 10.58
C PHE A 202 5.22 -5.40 11.56
N SER A 203 4.40 -4.38 11.28
CA SER A 203 3.29 -4.06 12.17
C SER A 203 2.25 -5.18 12.19
N MET A 204 1.90 -5.75 11.02
CA MET A 204 1.03 -6.93 11.07
C MET A 204 1.70 -8.12 11.73
N ALA A 205 3.00 -8.31 11.53
CA ALA A 205 3.66 -9.43 12.21
C ALA A 205 3.50 -9.31 13.72
N SER A 206 3.77 -8.11 14.24
CA SER A 206 3.60 -7.87 15.67
C SER A 206 2.14 -7.99 16.10
N THR A 207 1.22 -7.48 15.29
CA THR A 207 -0.19 -7.54 15.65
C THR A 207 -0.68 -8.98 15.73
N LEU A 208 -0.30 -9.79 14.75
CA LEU A 208 -0.69 -11.20 14.75
C LEU A 208 -0.04 -11.96 15.89
N SER A 209 1.21 -11.62 16.24
CA SER A 209 1.82 -12.27 17.39
C SER A 209 1.16 -11.86 18.70
N LEU A 210 0.79 -10.60 18.84
CA LEU A 210 0.22 -10.11 20.10
C LEU A 210 -1.22 -10.57 20.28
N GLU A 211 -2.01 -10.61 19.22
CA GLU A 211 -3.41 -10.98 19.38
C GLU A 211 -3.60 -12.47 19.60
N THR A 212 -2.54 -13.26 19.54
CA THR A 212 -2.61 -14.67 19.90
C THR A 212 -2.70 -14.82 21.41
N GLN A 213 -1.72 -14.29 22.13
CA GLN A 213 -1.71 -14.30 23.58
C GLN A 213 -2.80 -13.35 24.09
N PRO A 214 -3.43 -13.66 25.23
CA PRO A 214 -4.49 -12.78 25.75
C PRO A 214 -4.07 -11.33 25.92
N LEU A 215 -4.95 -10.41 25.55
CA LEU A 215 -4.69 -8.97 25.64
C LEU A 215 -5.19 -8.45 26.99
N VAL A 216 -4.51 -8.88 28.05
CA VAL A 216 -5.03 -8.65 29.39
C VAL A 216 -4.82 -7.20 29.83
N ASN A 217 -3.57 -6.79 30.05
CA ASN A 217 -3.32 -5.42 30.48
C ASN A 217 -2.08 -4.81 29.85
N THR A 218 -1.19 -5.64 29.32
CA THR A 218 0.11 -5.18 28.87
C THR A 218 0.33 -5.37 27.38
N THR A 219 -0.38 -6.30 26.75
CA THR A 219 -0.29 -6.54 25.32
C THR A 219 -1.49 -5.94 24.62
N ASP A 220 -2.00 -4.82 25.14
CA ASP A 220 -3.17 -4.18 24.54
C ASP A 220 -2.87 -2.76 24.09
N LYS A 221 -2.24 -1.96 24.94
CA LYS A 221 -1.86 -0.61 24.52
C LYS A 221 -0.86 -0.64 23.38
N VAL A 222 0.20 -1.42 23.52
CA VAL A 222 1.20 -1.54 22.45
C VAL A 222 0.58 -2.20 21.22
N HIS A 223 -0.35 -3.14 21.43
CA HIS A 223 -1.02 -3.79 20.32
C HIS A 223 -1.82 -2.79 19.50
N GLU A 224 -2.59 -1.93 20.17
CA GLU A 224 -3.34 -0.92 19.44
C GLU A 224 -2.41 0.12 18.82
N LEU A 225 -1.31 0.45 19.51
CA LEU A 225 -0.33 1.37 18.93
C LEU A 225 0.19 0.84 17.61
N MET A 226 0.59 -0.43 17.58
CA MET A 226 1.18 -0.95 16.35
C MET A 226 0.13 -1.31 15.32
N LYS A 227 -1.12 -1.53 15.73
CA LYS A 227 -2.21 -1.62 14.76
C LYS A 227 -2.44 -0.28 14.07
N ARG A 228 -2.42 0.81 14.84
CA ARG A 228 -2.51 2.14 14.25
C ARG A 228 -1.32 2.41 13.33
N LEU A 229 -0.13 1.96 13.74
CA LEU A 229 1.04 2.08 12.89
C LEU A 229 0.86 1.29 11.60
N MET A 230 0.27 0.09 11.69
CA MET A 230 0.02 -0.72 10.51
C MET A 230 -0.93 -0.03 9.55
N TYR A 231 -1.98 0.58 10.06
CA TYR A 231 -2.92 1.26 9.17
C TYR A 231 -2.30 2.52 8.57
N PHE A 232 -1.47 3.23 9.35
CA PHE A 232 -0.76 4.39 8.82
C PHE A 232 0.18 3.98 7.69
N ALA A 233 0.92 2.90 7.90
CA ALA A 233 1.84 2.41 6.87
C ALA A 233 1.10 1.89 5.65
N TYR A 234 -0.05 1.24 5.86
CA TYR A 234 -0.86 0.78 4.73
C TYR A 234 -1.35 1.97 3.91
N THR A 235 -1.83 3.02 4.57
CA THR A 235 -2.31 4.19 3.85
C THR A 235 -1.18 4.86 3.07
N VAL A 236 0.00 4.99 3.70
CA VAL A 236 1.10 5.63 2.98
C VAL A 236 1.60 4.76 1.84
N GLY A 237 1.55 3.43 1.99
CA GLY A 237 1.93 2.56 0.90
C GLY A 237 0.98 2.66 -0.28
N LEU A 238 -0.32 2.73 -0.01
CA LEU A 238 -1.27 2.92 -1.10
C LEU A 238 -1.07 4.26 -1.79
N SER A 239 -0.82 5.31 -1.02
CA SER A 239 -0.54 6.61 -1.62
C SER A 239 0.73 6.58 -2.46
N LEU A 240 1.74 5.85 -2.00
CA LEU A 240 2.98 5.74 -2.76
C LEU A 240 2.76 4.96 -4.06
N LEU A 241 1.91 3.93 -4.03
CA LEU A 241 1.58 3.21 -5.26
C LEU A 241 0.89 4.13 -6.25
N THR A 242 -0.04 4.96 -5.77
CA THR A 242 -0.68 5.94 -6.65
C THR A 242 0.34 6.90 -7.24
N ALA A 243 1.27 7.38 -6.42
CA ALA A 243 2.30 8.29 -6.91
C ALA A 243 3.19 7.62 -7.95
N ILE A 244 3.55 6.36 -7.73
CA ILE A 244 4.38 5.64 -8.70
C ILE A 244 3.67 5.52 -10.03
N SER A 245 2.39 5.13 -9.99
CA SER A 245 1.64 4.98 -11.24
C SER A 245 1.51 6.32 -11.97
N THR A 246 1.23 7.40 -11.23
CA THR A 246 1.12 8.71 -11.88
C THR A 246 2.45 9.15 -12.47
N GLN A 247 3.57 8.86 -11.78
CA GLN A 247 4.87 9.20 -12.32
C GLN A 247 5.17 8.43 -13.60
N ARG A 248 4.84 7.13 -13.61
CA ARG A 248 5.04 6.33 -14.80
C ARG A 248 4.21 6.85 -15.97
N CYS A 249 2.96 7.22 -15.70
CA CYS A 249 2.12 7.78 -16.76
C CYS A 249 2.69 9.09 -17.28
N LEU A 250 3.12 9.98 -16.39
CA LEU A 250 3.66 11.26 -16.82
C LEU A 250 5.00 11.12 -17.54
N SER A 251 5.74 10.05 -17.27
CA SER A 251 7.02 9.84 -17.95
C SER A 251 6.85 9.62 -19.45
N VAL A 252 5.67 9.20 -19.90
CA VAL A 252 5.43 8.99 -21.32
C VAL A 252 4.44 10.00 -21.89
N LEU A 253 3.51 10.53 -21.08
CA LEU A 253 2.61 11.56 -21.58
C LEU A 253 3.35 12.86 -21.86
N PHE A 254 4.30 13.21 -20.99
CA PHE A 254 5.11 14.42 -21.13
C PHE A 254 6.57 14.03 -20.93
N PRO A 255 7.23 13.53 -21.97
CA PRO A 255 8.61 13.03 -21.79
C PRO A 255 9.63 14.15 -21.73
N ILE A 256 9.44 15.19 -22.54
CA ILE A 256 10.35 16.33 -22.53
C ILE A 256 10.31 17.01 -21.18
N TRP A 257 9.10 17.21 -20.62
CA TRP A 257 8.99 17.80 -19.30
C TRP A 257 9.61 16.90 -18.23
N PHE A 258 9.38 15.59 -18.34
CA PHE A 258 9.94 14.67 -17.36
C PHE A 258 11.45 14.66 -17.39
N LYS A 259 12.06 14.92 -18.55
CA LYS A 259 13.51 14.87 -18.65
C LYS A 259 14.14 16.23 -18.32
N CYS A 260 13.77 17.27 -19.05
CA CYS A 260 14.46 18.56 -19.00
C CYS A 260 13.74 19.60 -18.14
N HIS A 261 12.66 19.23 -17.46
CA HIS A 261 11.93 20.22 -16.66
C HIS A 261 11.47 19.73 -15.29
N ARG A 262 11.46 18.44 -15.02
CA ARG A 262 10.98 17.97 -13.73
C ARG A 262 12.03 18.26 -12.66
N PRO A 263 11.65 18.85 -11.52
CA PRO A 263 12.64 19.13 -10.48
C PRO A 263 13.32 17.86 -9.99
N ARG A 264 14.62 17.96 -9.72
CA ARG A 264 15.37 16.80 -9.29
C ARG A 264 14.88 16.27 -7.94
N HIS A 265 14.24 17.12 -7.14
CA HIS A 265 13.75 16.71 -5.83
C HIS A 265 12.23 16.72 -5.73
N LEU A 266 11.54 16.72 -6.88
CA LEU A 266 10.08 16.67 -6.84
C LEU A 266 9.59 15.42 -6.15
N SER A 267 10.21 14.28 -6.46
CA SER A 267 9.84 13.04 -5.80
C SER A 267 10.08 13.11 -4.30
N ALA A 268 11.16 13.77 -3.89
CA ALA A 268 11.49 13.84 -2.47
C ALA A 268 10.41 14.55 -1.67
N TRP A 269 10.02 15.76 -2.10
CA TRP A 269 9.01 16.45 -1.31
C TRP A 269 7.60 15.94 -1.56
N VAL A 270 7.31 15.31 -2.70
CA VAL A 270 6.04 14.62 -2.83
C VAL A 270 5.95 13.47 -1.82
N CYS A 271 7.03 12.71 -1.67
CA CYS A 271 7.04 11.65 -0.66
C CYS A 271 6.92 12.23 0.75
N GLY A 272 7.62 13.33 1.03
CA GLY A 272 7.51 13.95 2.33
C GLY A 272 6.09 14.44 2.63
N LEU A 273 5.45 15.05 1.63
CA LEU A 273 4.07 15.50 1.81
C LEU A 273 3.12 14.33 2.00
N LEU A 274 3.33 13.24 1.27
CA LEU A 274 2.50 12.06 1.45
C LEU A 274 2.65 11.49 2.86
N TRP A 275 3.88 11.40 3.35
CA TRP A 275 4.10 10.89 4.70
C TRP A 275 3.47 11.82 5.74
N THR A 276 3.61 13.13 5.56
CA THR A 276 3.04 14.09 6.50
C THR A 276 1.52 14.00 6.52
N LEU A 277 0.89 13.94 5.34
CA LEU A 277 -0.55 13.87 5.28
C LEU A 277 -1.07 12.56 5.86
N CYS A 278 -0.37 11.45 5.59
CA CYS A 278 -0.79 10.17 6.17
C CYS A 278 -0.66 10.19 7.68
N LEU A 279 0.43 10.77 8.21
CA LEU A 279 0.59 10.86 9.65
C LEU A 279 -0.49 11.73 10.28
N LEU A 280 -0.83 12.84 9.63
CA LEU A 280 -1.89 13.71 10.17
C LEU A 280 -3.24 13.01 10.16
N MET A 281 -3.57 12.35 9.05
CA MET A 281 -4.85 11.66 8.95
C MET A 281 -4.94 10.51 9.95
N ASN A 282 -3.84 9.78 10.13
CA ASN A 282 -3.87 8.66 11.07
C ASN A 282 -3.83 9.13 12.51
N GLY A 283 -3.22 10.29 12.78
CA GLY A 283 -3.34 10.89 14.10
C GLY A 283 -4.76 11.29 14.41
N LEU A 284 -5.45 11.85 13.42
CA LEU A 284 -6.88 12.13 13.60
C LEU A 284 -7.67 10.84 13.83
N THR A 285 -7.37 9.80 13.05
CA THR A 285 -8.10 8.55 13.18
C THR A 285 -7.88 7.92 14.55
N SER A 286 -6.65 7.93 15.05
CA SER A 286 -6.35 7.32 16.34
C SER A 286 -6.86 8.19 17.49
N SER A 287 -6.88 9.51 17.31
CA SER A 287 -7.34 10.39 18.37
C SER A 287 -8.85 10.36 18.55
N PHE A 288 -9.59 9.84 17.57
CA PHE A 288 -11.04 9.75 17.65
C PHE A 288 -11.57 8.33 17.70
N CYS A 289 -10.73 7.31 17.49
CA CYS A 289 -11.17 5.93 17.44
C CYS A 289 -10.52 5.05 18.49
N SER A 290 -9.42 5.47 19.10
CA SER A 290 -8.72 4.59 20.03
C SER A 290 -9.49 4.47 21.35
N LYS A 291 -9.48 3.27 21.91
CA LYS A 291 -10.10 3.06 23.21
C LYS A 291 -9.29 3.69 24.34
N PHE A 292 -8.03 4.04 24.08
CA PHE A 292 -7.16 4.66 25.07
C PHE A 292 -7.03 6.17 24.88
N LEU A 293 -6.59 6.60 23.71
CA LEU A 293 -6.26 8.00 23.48
C LEU A 293 -7.48 8.90 23.69
N LYS A 294 -8.49 8.74 22.85
CA LYS A 294 -9.77 9.40 23.04
C LYS A 294 -10.78 8.69 22.15
N PHE A 295 -11.87 8.22 22.75
CA PHE A 295 -12.82 7.37 22.06
C PHE A 295 -14.12 8.11 21.81
N ASN A 296 -14.71 7.85 20.64
CA ASN A 296 -16.03 8.36 20.31
C ASN A 296 -16.63 7.48 19.24
N GLU A 297 -17.94 7.61 19.03
CA GLU A 297 -18.63 6.86 18.00
C GLU A 297 -18.88 7.70 16.76
N ASP A 298 -19.55 8.85 16.93
CA ASP A 298 -19.88 9.69 15.78
C ASP A 298 -18.62 10.25 15.12
N ARG A 299 -17.69 10.76 15.92
CA ARG A 299 -16.48 11.34 15.35
C ARG A 299 -15.61 10.27 14.70
N CYS A 300 -15.49 9.10 15.32
CA CYS A 300 -14.72 8.02 14.72
C CYS A 300 -15.34 7.58 13.40
N PHE A 301 -16.67 7.45 13.36
CA PHE A 301 -17.33 7.08 12.12
C PHE A 301 -17.12 8.14 11.05
N ARG A 302 -17.19 9.41 11.43
CA ARG A 302 -16.98 10.48 10.46
C ARG A 302 -15.56 10.45 9.91
N VAL A 303 -14.57 10.20 10.77
CA VAL A 303 -13.19 10.13 10.32
C VAL A 303 -12.98 8.94 9.38
N ASP A 304 -13.56 7.79 9.73
CA ASP A 304 -13.46 6.64 8.85
C ASP A 304 -14.13 6.90 7.51
N MET A 305 -15.29 7.57 7.54
CA MET A 305 -15.99 7.89 6.30
C MET A 305 -15.17 8.83 5.42
N VAL A 306 -14.57 9.86 6.01
CA VAL A 306 -13.80 10.80 5.20
C VAL A 306 -12.53 10.12 4.67
N GLN A 307 -11.91 9.23 5.45
CA GLN A 307 -10.75 8.50 4.95
C GLN A 307 -11.13 7.57 3.81
N ALA A 308 -12.27 6.88 3.94
CA ALA A 308 -12.73 6.00 2.86
C ALA A 308 -13.07 6.80 1.61
N ALA A 309 -13.71 7.95 1.77
CA ALA A 309 -14.01 8.79 0.63
C ALA A 309 -12.72 9.25 -0.04
N LEU A 310 -11.75 9.68 0.76
CA LEU A 310 -10.46 10.11 0.21
C LEU A 310 -9.82 8.99 -0.60
N ILE A 311 -9.68 7.80 -0.01
CA ILE A 311 -9.04 6.70 -0.72
C ILE A 311 -9.82 6.33 -1.97
N MET A 312 -11.06 5.89 -1.80
CA MET A 312 -11.83 5.36 -2.92
C MET A 312 -12.21 6.40 -3.96
N GLY A 313 -12.03 7.69 -3.69
CA GLY A 313 -12.38 8.70 -4.68
C GLY A 313 -11.18 9.48 -5.18
N VAL A 314 -9.99 9.22 -4.64
CA VAL A 314 -8.80 9.86 -5.15
C VAL A 314 -7.79 8.80 -5.58
N LEU A 315 -7.39 7.93 -4.66
CA LEU A 315 -6.29 7.02 -4.94
C LEU A 315 -6.66 6.02 -6.03
N THR A 316 -7.81 5.33 -5.87
CA THR A 316 -8.20 4.36 -6.89
C THR A 316 -8.51 5.00 -8.24
N PRO A 317 -9.29 6.10 -8.33
CA PRO A 317 -9.49 6.69 -9.66
C PRO A 317 -8.21 7.20 -10.28
N VAL A 318 -7.37 7.90 -9.52
CA VAL A 318 -6.14 8.45 -10.09
C VAL A 318 -5.22 7.34 -10.55
N MET A 319 -5.02 6.32 -9.72
CA MET A 319 -4.14 5.23 -10.09
C MET A 319 -4.67 4.47 -11.31
N THR A 320 -5.96 4.15 -11.31
CA THR A 320 -6.53 3.40 -12.43
C THR A 320 -6.47 4.20 -13.72
N LEU A 321 -6.83 5.49 -13.66
CA LEU A 321 -6.79 6.31 -14.87
C LEU A 321 -5.37 6.50 -15.37
N SER A 322 -4.41 6.70 -14.47
CA SER A 322 -3.02 6.85 -14.89
C SER A 322 -2.50 5.58 -15.55
N SER A 323 -2.76 4.43 -14.92
CA SER A 323 -2.24 3.17 -15.47
C SER A 323 -2.90 2.84 -16.80
N LEU A 324 -4.22 3.03 -16.91
CA LEU A 324 -4.89 2.78 -18.18
C LEU A 324 -4.50 3.78 -19.25
N THR A 325 -4.23 5.03 -18.88
CA THR A 325 -3.73 6.00 -19.86
C THR A 325 -2.35 5.58 -20.37
N LEU A 326 -1.48 5.12 -19.47
CA LEU A 326 -0.19 4.58 -19.90
C LEU A 326 -0.38 3.41 -20.86
N PHE A 327 -1.25 2.47 -20.50
CA PHE A 327 -1.49 1.29 -21.33
C PHE A 327 -1.99 1.71 -22.71
N VAL A 328 -3.00 2.58 -22.76
CA VAL A 328 -3.60 2.98 -24.03
C VAL A 328 -2.61 3.77 -24.88
N TRP A 329 -1.86 4.70 -24.26
CA TRP A 329 -0.90 5.48 -25.01
C TRP A 329 0.18 4.61 -25.62
N VAL A 330 0.71 3.66 -24.84
CA VAL A 330 1.73 2.76 -25.37
C VAL A 330 1.15 1.89 -26.48
N ARG A 331 -0.06 1.36 -26.28
CA ARG A 331 -0.66 0.47 -27.27
C ARG A 331 -0.94 1.21 -28.57
N ARG A 332 -1.41 2.45 -28.50
CA ARG A 332 -1.80 3.20 -29.68
C ARG A 332 -0.70 4.11 -30.21
N SER A 333 0.50 4.05 -29.63
CA SER A 333 1.61 4.87 -30.12
C SER A 333 2.90 4.11 -30.36
N SER A 334 3.05 2.88 -29.87
CA SER A 334 4.32 2.19 -30.01
C SER A 334 4.14 0.77 -30.52
N GLN A 335 2.97 0.17 -30.30
CA GLN A 335 2.74 -1.20 -30.75
C GLN A 335 2.70 -1.30 -32.27
N GLN A 336 2.27 -0.22 -32.95
CA GLN A 336 2.16 -0.25 -34.40
C GLN A 336 3.51 -0.11 -35.09
N TRP A 337 4.44 0.64 -34.50
CA TRP A 337 5.71 0.93 -35.17
C TRP A 337 6.79 -0.10 -34.82
N ARG A 338 7.14 -0.21 -33.55
CA ARG A 338 8.16 -1.15 -33.12
C ARG A 338 7.53 -2.49 -32.77
N ARG A 339 8.35 -3.44 -32.31
CA ARG A 339 7.83 -4.70 -31.80
C ARG A 339 6.95 -4.43 -30.57
N GLN A 340 5.89 -5.23 -30.44
CA GLN A 340 4.86 -4.95 -29.44
C GLN A 340 5.45 -5.01 -28.04
N PRO A 341 5.28 -3.96 -27.22
CA PRO A 341 5.77 -3.98 -25.83
C PRO A 341 4.94 -4.89 -24.93
N THR A 342 5.11 -6.20 -25.10
CA THR A 342 4.35 -7.16 -24.30
C THR A 342 4.69 -7.03 -22.82
N ARG A 343 5.96 -6.78 -22.50
CA ARG A 343 6.37 -6.65 -21.11
C ARG A 343 5.66 -5.48 -20.44
N LEU A 344 5.56 -4.33 -21.14
CA LEU A 344 4.91 -3.18 -20.55
C LEU A 344 3.44 -3.47 -20.25
N PHE A 345 2.74 -4.06 -21.23
CA PHE A 345 1.33 -4.38 -21.02
C PHE A 345 1.14 -5.34 -19.86
N VAL A 346 1.96 -6.39 -19.80
CA VAL A 346 1.75 -7.40 -18.77
C VAL A 346 2.08 -6.84 -17.39
N VAL A 347 3.12 -6.03 -17.27
CA VAL A 347 3.46 -5.49 -15.95
C VAL A 347 2.43 -4.46 -15.51
N VAL A 348 1.94 -3.62 -16.43
CA VAL A 348 0.91 -2.65 -16.06
C VAL A 348 -0.35 -3.37 -15.60
N LEU A 349 -0.77 -4.39 -16.35
CA LEU A 349 -1.97 -5.13 -15.97
C LEU A 349 -1.77 -5.85 -14.63
N ALA A 350 -0.60 -6.43 -14.41
CA ALA A 350 -0.34 -7.10 -13.13
C ALA A 350 -0.39 -6.11 -11.98
N SER A 351 0.18 -4.91 -12.17
CA SER A 351 0.14 -3.92 -11.11
C SER A 351 -1.28 -3.50 -10.79
N VAL A 352 -2.08 -3.20 -11.82
CA VAL A 352 -3.46 -2.79 -11.58
C VAL A 352 -4.24 -3.91 -10.92
N LEU A 353 -4.07 -5.14 -11.39
CA LEU A 353 -4.82 -6.27 -10.85
C LEU A 353 -4.47 -6.51 -9.39
N VAL A 354 -3.17 -6.49 -9.05
CA VAL A 354 -2.76 -6.75 -7.68
C VAL A 354 -3.21 -5.61 -6.77
N PHE A 355 -3.15 -4.36 -7.26
CA PHE A 355 -3.62 -3.25 -6.44
C PHE A 355 -5.12 -3.35 -6.19
N LEU A 356 -5.90 -3.70 -7.21
CA LEU A 356 -7.35 -3.70 -7.07
C LEU A 356 -7.83 -4.86 -6.21
N ILE A 357 -7.30 -6.07 -6.44
CA ILE A 357 -7.83 -7.25 -5.78
C ILE A 357 -6.98 -7.69 -4.60
N CYS A 358 -5.94 -6.94 -4.26
CA CYS A 358 -5.14 -7.34 -3.10
C CYS A 358 -4.98 -6.24 -2.07
N SER A 359 -4.80 -4.99 -2.52
CA SER A 359 -4.54 -3.91 -1.57
C SER A 359 -5.82 -3.31 -1.00
N LEU A 360 -6.82 -3.07 -1.84
CA LEU A 360 -8.04 -2.43 -1.37
C LEU A 360 -8.82 -3.21 -0.31
N PRO A 361 -8.99 -4.54 -0.40
CA PRO A 361 -9.77 -5.27 0.61
C PRO A 361 -9.64 -4.77 2.05
N LEU A 362 -8.42 -4.53 2.52
CA LEU A 362 -8.27 -4.02 3.88
C LEU A 362 -8.87 -2.63 4.04
N SER A 363 -8.69 -1.77 3.05
CA SER A 363 -9.27 -0.43 3.13
C SER A 363 -10.79 -0.49 3.14
N ILE A 364 -11.38 -1.25 2.20
CA ILE A 364 -12.82 -1.31 2.09
C ILE A 364 -13.45 -2.05 3.27
N TYR A 365 -12.68 -2.89 3.97
CA TYR A 365 -13.20 -3.47 5.19
C TYR A 365 -13.11 -2.49 6.35
N TRP A 366 -11.91 -1.99 6.63
CA TRP A 366 -11.70 -1.19 7.82
C TRP A 366 -12.50 0.11 7.78
N PHE A 367 -12.58 0.75 6.62
CA PHE A 367 -13.20 2.06 6.56
C PHE A 367 -14.66 2.03 6.15
N VAL A 368 -15.17 0.91 5.64
CA VAL A 368 -16.56 0.84 5.20
C VAL A 368 -17.27 -0.34 5.85
N LEU A 369 -16.75 -1.55 5.65
CA LEU A 369 -17.43 -2.74 6.15
C LEU A 369 -17.44 -2.83 7.67
N TYR A 370 -16.54 -2.11 8.34
CA TYR A 370 -16.52 -2.13 9.80
C TYR A 370 -17.80 -1.54 10.37
N TRP A 371 -18.28 -0.44 9.79
CA TRP A 371 -19.41 0.30 10.36
C TRP A 371 -20.76 -0.23 9.89
N LEU A 372 -20.84 -0.75 8.66
CA LEU A 372 -22.09 -1.31 8.19
C LEU A 372 -22.48 -2.52 9.03
N SER A 373 -23.77 -2.66 9.29
CA SER A 373 -24.28 -3.71 10.17
C SER A 373 -24.13 -5.06 9.47
N LEU A 374 -23.08 -5.80 9.81
CA LEU A 374 -22.85 -7.12 9.26
C LEU A 374 -22.82 -8.15 10.37
N PRO A 375 -23.36 -9.35 10.13
CA PRO A 375 -23.40 -10.37 11.17
C PRO A 375 -22.00 -10.88 11.49
N PRO A 376 -21.78 -11.38 12.71
CA PRO A 376 -20.48 -11.94 13.05
C PRO A 376 -20.23 -13.27 12.35
N GLU A 377 -19.07 -13.88 12.60
CA GLU A 377 -18.68 -15.16 12.02
C GLU A 377 -18.54 -15.07 10.50
N MET A 378 -18.75 -13.88 9.94
CA MET A 378 -18.49 -13.63 8.53
C MET A 378 -17.66 -12.36 8.40
N GLN A 379 -17.81 -11.46 9.38
CA GLN A 379 -16.95 -10.28 9.43
C GLN A 379 -15.50 -10.67 9.71
N VAL A 380 -15.30 -11.70 10.53
CA VAL A 380 -13.96 -12.23 10.77
C VAL A 380 -13.34 -12.73 9.47
N LEU A 381 -14.14 -13.43 8.65
CA LEU A 381 -13.62 -13.93 7.38
C LEU A 381 -13.22 -12.80 6.46
N CYS A 382 -14.06 -11.75 6.37
CA CYS A 382 -13.72 -10.60 5.55
C CYS A 382 -12.45 -9.92 6.03
N PHE A 383 -12.32 -9.74 7.35
CA PHE A 383 -11.13 -9.11 7.90
C PHE A 383 -9.88 -9.92 7.62
N SER A 384 -9.96 -11.25 7.78
CA SER A 384 -8.78 -12.07 7.59
C SER A 384 -8.39 -12.16 6.11
N LEU A 385 -9.39 -12.25 5.22
CA LEU A 385 -9.10 -12.18 3.78
C LEU A 385 -8.46 -10.86 3.42
N SER A 386 -8.95 -9.76 4.00
CA SER A 386 -8.38 -8.45 3.72
C SER A 386 -6.92 -8.38 4.16
N ARG A 387 -6.62 -8.89 5.36
CA ARG A 387 -5.23 -8.86 5.81
C ARG A 387 -4.34 -9.70 4.90
N LEU A 388 -4.81 -10.90 4.53
CA LEU A 388 -3.99 -11.76 3.67
C LEU A 388 -3.75 -11.11 2.32
N SER A 389 -4.79 -10.53 1.72
CA SER A 389 -4.62 -9.87 0.43
C SER A 389 -3.66 -8.70 0.52
N SER A 390 -3.80 -7.87 1.56
CA SER A 390 -2.92 -6.72 1.69
C SER A 390 -1.48 -7.13 1.92
N SER A 391 -1.26 -8.16 2.74
CA SER A 391 0.10 -8.63 2.98
C SER A 391 0.71 -9.22 1.72
N VAL A 392 -0.09 -9.94 0.93
CA VAL A 392 0.39 -10.47 -0.34
C VAL A 392 0.78 -9.33 -1.27
N SER A 393 -0.05 -8.29 -1.35
CA SER A 393 0.27 -7.15 -2.20
C SER A 393 1.56 -6.46 -1.76
N SER A 394 1.73 -6.27 -0.46
CA SER A 394 2.93 -5.59 0.03
C SER A 394 4.18 -6.46 -0.14
N SER A 395 4.03 -7.78 -0.04
CA SER A 395 5.19 -8.65 -0.27
C SER A 395 5.53 -8.76 -1.75
N ALA A 396 4.54 -8.60 -2.63
CA ALA A 396 4.79 -8.67 -4.07
C ALA A 396 5.17 -7.33 -4.67
N ASN A 397 4.98 -6.22 -3.96
CA ASN A 397 5.42 -4.93 -4.48
C ASN A 397 6.91 -4.88 -4.84
N PRO A 398 7.83 -5.39 -4.03
CA PRO A 398 9.25 -5.37 -4.46
C PRO A 398 9.49 -6.17 -5.73
N VAL A 399 8.80 -7.28 -5.94
CA VAL A 399 9.01 -8.09 -7.14
C VAL A 399 8.46 -7.38 -8.36
N ILE A 400 7.29 -6.74 -8.23
CA ILE A 400 6.63 -6.15 -9.39
C ILE A 400 7.11 -4.73 -9.68
N TYR A 401 7.78 -4.07 -8.74
CA TYR A 401 8.22 -2.70 -8.94
C TYR A 401 9.73 -2.54 -9.00
N PHE A 402 10.49 -3.31 -8.22
CA PHE A 402 11.93 -3.18 -8.22
C PHE A 402 12.59 -4.13 -9.21
N LEU A 403 12.23 -5.42 -9.17
CA LEU A 403 12.81 -6.38 -10.11
C LEU A 403 12.43 -6.03 -11.55
N VAL A 404 11.18 -5.64 -11.77
CA VAL A 404 10.75 -5.14 -13.07
C VAL A 404 11.05 -3.63 -13.04
N GLY A 405 12.21 -3.27 -13.55
CA GLY A 405 12.70 -1.91 -13.45
C GLY A 405 14.09 -1.85 -12.87
N SER A 406 14.73 -3.01 -12.70
CA SER A 406 16.08 -3.07 -12.18
C SER A 406 17.10 -2.96 -13.32
N ARG A 407 16.99 -1.85 -14.06
CA ARG A 407 17.90 -1.59 -15.16
C ARG A 407 19.32 -1.40 -14.65
N ARG A 408 19.48 -0.71 -13.52
CA ARG A 408 20.81 -0.41 -13.01
C ARG A 408 21.48 -1.65 -12.44
N SER A 409 20.74 -2.46 -11.67
CA SER A 409 21.31 -3.65 -11.06
C SER A 409 21.54 -4.77 -12.05
N HIS A 410 21.05 -4.65 -13.28
CA HIS A 410 21.23 -5.69 -14.29
C HIS A 410 22.70 -5.83 -14.68
N BAL B . -11.96 1.84 11.44
CB BAL B . -11.48 2.06 12.80
CA BAL B . -12.44 1.63 13.90
C BAL B . -11.71 1.67 15.22
O BAL B . -10.60 2.14 15.35
OXT BAL B . -12.39 1.12 16.19
C1 PLM C . 3.37 20.24 -26.09
O1 PLM C . 2.24 20.10 -25.54
O2 PLM C . 3.63 20.48 -27.31
C2 PLM C . 4.58 20.10 -25.12
C3 PLM C . 4.67 18.79 -24.33
C4 PLM C . 5.54 18.86 -23.07
C5 PLM C . 5.03 19.88 -22.04
C6 PLM C . 3.55 19.72 -21.68
C7 PLM C . 3.04 20.78 -20.69
C8 PLM C . 3.62 20.65 -19.28
C9 PLM C . 3.12 19.43 -18.50
CA PLM C . 3.56 19.44 -17.04
CB PLM C . 2.89 18.36 -16.18
CC PLM C . 2.87 18.71 -14.69
CD PLM C . 2.90 17.48 -13.77
CE PLM C . 3.14 17.85 -12.30
CF PLM C . 3.12 16.64 -11.34
CG PLM C . 3.27 17.03 -9.87
C1 PLM D . 17.15 12.88 -2.51
O1 PLM D . 16.63 12.49 -3.58
O2 PLM D . 17.75 13.97 -2.28
C2 PLM D . 17.00 11.88 -1.32
C3 PLM D . 15.57 11.54 -0.90
C4 PLM D . 15.49 10.47 0.19
C5 PLM D . 14.06 10.19 0.66
C6 PLM D . 13.27 11.45 1.02
C7 PLM D . 12.01 11.19 1.86
C8 PLM D . 12.21 10.10 2.93
C9 PLM D . 11.03 9.98 3.89
CA PLM D . 10.72 11.27 4.65
CB PLM D . 9.71 11.09 5.79
CC PLM D . 9.43 12.38 6.58
CD PLM D . 8.27 12.24 7.57
CE PLM D . 8.23 10.89 8.28
CF PLM D . 7.07 10.74 9.26
CG PLM D . 6.94 9.32 9.82
C1 PLM E . -10.73 17.13 21.05
O1 PLM E . -11.04 16.79 22.22
O2 PLM E . -11.38 17.86 20.25
C2 PLM E . -9.37 16.56 20.54
C3 PLM E . -9.01 16.91 19.09
C4 PLM E . -7.85 16.09 18.51
C5 PLM E . -6.54 16.22 19.31
C6 PLM E . -5.44 15.25 18.84
C7 PLM E . -5.39 15.06 17.33
C8 PLM E . -4.30 14.09 16.86
C9 PLM E . -2.97 14.77 16.54
CA PLM E . -2.99 15.62 15.27
CB PLM E . -2.01 15.15 14.20
CC PLM E . -0.56 15.11 14.69
CD PLM E . 0.46 14.95 13.55
CE PLM E . 0.31 15.98 12.43
CF PLM E . 1.36 15.86 11.32
CG PLM E . 2.76 16.23 11.77
C1 PLM F . 6.30 12.49 -10.59
O1 PLM F . 5.88 12.55 -11.78
O2 PLM F . 7.49 12.45 -10.17
C2 PLM F . 5.17 12.44 -9.51
C3 PLM F . 3.99 13.37 -9.76
C4 PLM F . 2.92 13.35 -8.65
C5 PLM F . 2.58 11.93 -8.18
C6 PLM F . 1.67 11.91 -6.94
C7 PLM F . 0.39 12.73 -7.09
C8 PLM F . -0.89 11.90 -7.00
C9 PLM F . -0.88 10.89 -5.84
CA PLM F . -1.09 11.54 -4.47
CB PLM F . -2.41 12.28 -4.35
CC PLM F . -2.64 12.94 -2.98
CD PLM F . -4.05 13.49 -2.77
CE PLM F . -4.31 13.98 -1.35
CF PLM F . -5.71 14.60 -1.17
CG PLM F . -6.00 15.73 -2.16
#